data_5FTO
#
_entry.id   5FTO
#
_cell.length_a   52.435
_cell.length_b   58.471
_cell.length_c   105.089
_cell.angle_alpha   90.00
_cell.angle_beta   90.00
_cell.angle_gamma   90.00
#
_symmetry.space_group_name_H-M   'P 21 21 21'
#
loop_
_entity.id
_entity.type
_entity.pdbx_description
1 polymer 'ALK TYROSINE KINASE RECEPTOR'
2 non-polymer Entrectinib
3 water water
#
_entity_poly.entity_id   1
_entity_poly.type   'polypeptide(L)'
_entity_poly.pdbx_seq_one_letter_code
;GPNYCFAGKTSSISDLKEVPRKNITLIRGLGHGAFGEVYEGQVSGMPNDPSPLQVAVKTLPEVCSEQDELDFLMEALIIS
KFNHQNIVRCIGVSLQSLPRFILLELMAGGDLKSFLRETRPRPSQPSSLAMLDLLHVARDIACGCQYLEENHFIHRDIAA
RNCLLTCPGPGRVAKIGDFGMARDIYRASYYRKGGCAMLPVKWMPPEAFMEGIFTSKTDTWSFGVLLWEIFSLGYMPYPS
KSNQEVLEFVTSGGRMDPPKNCPGPVYRIMTQCWQHQPEDRPNFAIILERIEYCTQDPDVINTALPIEYGPLVEE
;
_entity_poly.pdbx_strand_id   A
#
# COMPACT_ATOMS: atom_id res chain seq x y z
N GLY A 1 -21.44 5.20 -19.76
CA GLY A 1 -20.06 5.49 -19.28
C GLY A 1 -20.06 6.12 -17.90
N PRO A 2 -19.39 5.48 -16.93
CA PRO A 2 -19.36 5.99 -15.56
C PRO A 2 -18.45 7.22 -15.37
N ASN A 3 -18.82 8.05 -14.40
CA ASN A 3 -18.03 9.21 -13.99
C ASN A 3 -17.35 8.93 -12.64
N TYR A 4 -16.17 9.51 -12.42
CA TYR A 4 -15.51 9.39 -11.12
C TYR A 4 -15.19 10.76 -10.55
N CYS A 5 -15.47 10.93 -9.25
CA CYS A 5 -15.27 12.20 -8.56
C CYS A 5 -14.17 12.10 -7.51
N PHE A 6 -13.19 12.99 -7.59
CA PHE A 6 -12.13 13.09 -6.59
C PHE A 6 -11.74 14.56 -6.40
N ALA A 7 -11.56 14.97 -5.16
CA ALA A 7 -11.24 16.36 -4.81
C ALA A 7 -12.18 17.35 -5.50
N GLY A 8 -13.48 17.01 -5.49
CA GLY A 8 -14.53 17.87 -6.05
C GLY A 8 -14.60 17.90 -7.57
N LYS A 9 -13.75 17.10 -8.21
CA LYS A 9 -13.64 17.10 -9.67
C LYS A 9 -14.18 15.82 -10.27
N THR A 10 -14.89 15.97 -11.39
CA THR A 10 -15.50 14.83 -12.07
C THR A 10 -14.73 14.51 -13.35
N SER A 11 -14.47 13.22 -13.57
CA SER A 11 -13.77 12.78 -14.76
C SER A 11 -14.42 11.51 -15.33
N SER A 12 -14.06 11.19 -16.57
CA SER A 12 -14.56 9.99 -17.23
C SER A 12 -13.50 9.43 -18.18
N ILE A 13 -13.83 8.33 -18.86
CA ILE A 13 -12.90 7.65 -19.77
C ILE A 13 -12.19 8.64 -20.71
N SER A 14 -12.94 9.64 -21.17
CA SER A 14 -12.46 10.74 -22.04
C SER A 14 -11.23 11.47 -21.53
N ASP A 15 -11.12 11.59 -20.20
CA ASP A 15 -10.03 12.34 -19.55
C ASP A 15 -8.73 11.53 -19.37
N LEU A 16 -8.83 10.22 -19.52
CA LEU A 16 -7.66 9.34 -19.45
C LEU A 16 -6.73 9.55 -20.63
N LYS A 17 -5.41 9.51 -20.37
CA LYS A 17 -4.39 9.64 -21.41
C LYS A 17 -4.18 8.38 -22.24
N GLU A 18 -4.92 8.25 -23.34
CA GLU A 18 -4.78 7.11 -24.25
C GLU A 18 -3.45 7.20 -25.00
N VAL A 19 -2.59 6.21 -24.81
CA VAL A 19 -1.30 6.14 -25.47
C VAL A 19 -1.46 5.17 -26.64
N PRO A 20 -1.09 5.60 -27.87
CA PRO A 20 -1.24 4.71 -29.03
C PRO A 20 -0.60 3.34 -28.76
N ARG A 21 -1.31 2.27 -29.11
CA ARG A 21 -0.85 0.90 -28.81
C ARG A 21 0.54 0.64 -29.40
N LYS A 22 0.77 1.12 -30.62
CA LYS A 22 2.06 0.93 -31.31
C LYS A 22 3.24 1.53 -30.53
N ASN A 23 2.94 2.42 -29.59
CA ASN A 23 3.96 3.05 -28.76
C ASN A 23 4.35 2.22 -27.54
N ILE A 24 3.70 1.07 -27.37
CA ILE A 24 3.87 0.25 -26.17
C ILE A 24 4.44 -1.14 -26.48
N THR A 25 5.58 -1.46 -25.85
CA THR A 25 6.18 -2.78 -25.96
C THR A 25 6.24 -3.45 -24.59
N LEU A 26 5.76 -4.69 -24.52
CA LEU A 26 5.90 -5.49 -23.31
C LEU A 26 7.30 -6.08 -23.29
N ILE A 27 8.02 -5.90 -22.18
CA ILE A 27 9.39 -6.38 -22.05
C ILE A 27 9.44 -7.76 -21.38
N ARG A 28 8.87 -7.89 -20.18
CA ARG A 28 8.82 -9.17 -19.48
C ARG A 28 7.69 -9.25 -18.46
N GLY A 29 7.29 -10.47 -18.12
CA GLY A 29 6.34 -10.71 -17.04
C GLY A 29 6.98 -10.38 -15.70
N LEU A 30 6.19 -9.85 -14.78
CA LEU A 30 6.66 -9.56 -13.42
C LEU A 30 5.94 -10.44 -12.41
N GLY A 31 4.62 -10.57 -12.58
CA GLY A 31 3.81 -11.47 -11.75
C GLY A 31 2.33 -11.18 -11.73
N HIS A 32 1.58 -12.05 -11.05
CA HIS A 32 0.12 -11.94 -10.98
C HIS A 32 -0.39 -12.21 -9.59
N GLY A 33 -1.60 -11.73 -9.30
CA GLY A 33 -2.22 -11.90 -7.99
C GLY A 33 -3.55 -11.19 -7.84
N ALA A 34 -3.87 -10.80 -6.60
CA ALA A 34 -5.11 -10.09 -6.28
C ALA A 34 -5.14 -8.70 -6.90
N PHE A 35 -3.96 -8.17 -7.20
CA PHE A 35 -3.79 -6.88 -7.86
C PHE A 35 -4.08 -6.94 -9.36
N GLY A 36 -4.06 -8.15 -9.93
CA GLY A 36 -4.27 -8.34 -11.36
C GLY A 36 -3.08 -9.03 -12.02
N GLU A 37 -2.61 -8.45 -13.12
CA GLU A 37 -1.49 -9.01 -13.88
C GLU A 37 -0.56 -7.91 -14.38
N VAL A 38 0.73 -8.02 -14.06
CA VAL A 38 1.68 -6.93 -14.30
C VAL A 38 2.90 -7.37 -15.12
N TYR A 39 3.29 -6.51 -16.07
CA TYR A 39 4.45 -6.69 -16.92
C TYR A 39 5.33 -5.45 -16.86
N GLU A 40 6.64 -5.63 -17.06
CA GLU A 40 7.49 -4.49 -17.36
C GLU A 40 7.27 -4.12 -18.82
N GLY A 41 7.19 -2.82 -19.10
CA GLY A 41 6.99 -2.34 -20.46
C GLY A 41 7.80 -1.10 -20.80
N GLN A 42 7.66 -0.66 -22.05
CA GLN A 42 8.31 0.54 -22.56
C GLN A 42 7.33 1.39 -23.32
N VAL A 43 7.38 2.71 -23.09
CA VAL A 43 6.60 3.67 -23.85
C VAL A 43 7.55 4.58 -24.63
N SER A 44 7.41 4.60 -25.95
CA SER A 44 8.22 5.47 -26.80
C SER A 44 7.45 6.69 -27.25
N GLY A 45 8.14 7.84 -27.31
CA GLY A 45 7.62 9.03 -27.98
C GLY A 45 8.16 9.11 -29.39
N MET A 46 9.11 8.22 -29.68
CA MET A 46 9.84 8.14 -30.96
C MET A 46 10.59 9.43 -31.30
N SER A 51 15.04 7.52 -25.92
CA SER A 51 15.03 6.75 -24.69
C SER A 51 13.63 6.63 -24.24
N PRO A 52 13.14 5.42 -24.34
CA PRO A 52 11.76 5.16 -24.04
C PRO A 52 11.56 5.18 -22.56
N LEU A 53 10.32 5.27 -22.17
CA LEU A 53 10.02 5.33 -20.81
C LEU A 53 9.70 3.92 -20.28
N GLN A 54 10.42 3.53 -19.26
CA GLN A 54 10.15 2.27 -18.65
C GLN A 54 8.95 2.34 -17.73
N VAL A 55 8.01 1.44 -17.91
CA VAL A 55 6.76 1.44 -17.15
C VAL A 55 6.39 0.03 -16.67
N ALA A 56 5.39 -0.03 -15.80
CA ALA A 56 4.69 -1.28 -15.53
C ALA A 56 3.37 -1.25 -16.30
N VAL A 57 2.94 -2.42 -16.74
CA VAL A 57 1.70 -2.56 -17.52
C VAL A 57 0.78 -3.56 -16.84
N LYS A 58 -0.37 -3.07 -16.38
CA LYS A 58 -1.41 -3.95 -15.88
C LYS A 58 -2.37 -4.23 -17.03
N THR A 59 -2.73 -5.51 -17.17
CA THR A 59 -3.53 -5.97 -18.30
C THR A 59 -4.90 -6.43 -17.83
N LEU A 60 -5.87 -6.35 -18.73
CA LEU A 60 -7.21 -6.87 -18.50
C LEU A 60 -7.39 -8.09 -19.39
N PRO A 61 -7.80 -9.24 -18.81
CA PRO A 61 -8.07 -10.45 -19.61
C PRO A 61 -9.11 -10.14 -20.69
N GLU A 62 -8.87 -10.64 -21.89
CA GLU A 62 -9.81 -10.43 -22.99
C GLU A 62 -11.11 -11.20 -22.74
N VAL A 63 -10.96 -12.40 -22.19
CA VAL A 63 -12.11 -13.17 -21.72
C VAL A 63 -12.44 -12.70 -20.31
N CYS A 64 -13.41 -11.80 -20.20
CA CYS A 64 -13.81 -11.23 -18.91
C CYS A 64 -15.23 -10.67 -18.92
N SER A 65 -15.80 -10.50 -17.72
CA SER A 65 -17.15 -9.97 -17.56
C SER A 65 -17.21 -8.47 -17.83
N GLU A 66 -18.39 -7.92 -17.79
CA GLU A 66 -18.56 -6.55 -18.07
C GLU A 66 -18.31 -5.75 -16.81
N GLN A 67 -18.53 -6.34 -15.66
CA GLN A 67 -18.11 -5.74 -14.39
C GLN A 67 -16.59 -5.63 -14.34
N ASP A 68 -15.90 -6.69 -14.79
CA ASP A 68 -14.45 -6.69 -15.00
C ASP A 68 -14.01 -5.47 -15.82
N GLU A 69 -14.69 -5.25 -16.95
CA GLU A 69 -14.45 -4.09 -17.81
C GLU A 69 -14.59 -2.79 -17.03
N LEU A 70 -15.66 -2.69 -16.24
CA LEU A 70 -15.96 -1.47 -15.50
C LEU A 70 -15.01 -1.30 -14.32
N ASP A 71 -14.58 -2.42 -13.74
CA ASP A 71 -13.54 -2.42 -12.71
C ASP A 71 -12.24 -1.82 -13.22
N PHE A 72 -11.80 -2.28 -14.39
CA PHE A 72 -10.57 -1.81 -15.03
C PHE A 72 -10.61 -0.31 -15.31
N LEU A 73 -11.72 0.15 -15.86
CA LEU A 73 -11.95 1.56 -16.12
C LEU A 73 -11.86 2.38 -14.82
N MET A 74 -12.54 1.90 -13.77
CA MET A 74 -12.55 2.61 -12.50
C MET A 74 -11.14 2.72 -11.91
N GLU A 75 -10.41 1.60 -11.90
CA GLU A 75 -9.02 1.57 -11.44
C GLU A 75 -8.17 2.62 -12.16
N ALA A 76 -8.33 2.69 -13.49
CA ALA A 76 -7.64 3.68 -14.30
C ALA A 76 -7.98 5.10 -13.86
N LEU A 77 -9.28 5.36 -13.67
CA LEU A 77 -9.75 6.69 -13.27
C LEU A 77 -9.24 7.11 -11.89
N ILE A 78 -9.28 6.17 -10.96
CA ILE A 78 -8.85 6.41 -9.58
C ILE A 78 -7.36 6.81 -9.53
N ILE A 79 -6.51 6.00 -10.14
CA ILE A 79 -5.06 6.25 -10.13
C ILE A 79 -4.64 7.51 -10.90
N SER A 80 -5.26 7.75 -12.06
CA SER A 80 -4.96 8.94 -12.86
C SER A 80 -5.25 10.25 -12.13
N LYS A 81 -6.22 10.23 -11.21
CA LYS A 81 -6.58 11.44 -10.46
C LYS A 81 -5.75 11.71 -9.21
N PHE A 82 -4.99 10.73 -8.74
CA PHE A 82 -4.08 10.94 -7.62
C PHE A 82 -2.84 11.71 -8.07
N ASN A 83 -2.38 12.64 -7.24
CA ASN A 83 -1.21 13.44 -7.56
C ASN A 83 -0.28 13.56 -6.33
N HIS A 84 0.46 12.49 -6.06
CA HIS A 84 1.37 12.45 -4.91
C HIS A 84 2.54 11.55 -5.15
N GLN A 85 3.69 11.97 -4.64
CA GLN A 85 4.96 11.25 -4.83
C GLN A 85 4.99 9.83 -4.19
N ASN A 86 4.15 9.60 -3.19
CA ASN A 86 4.08 8.31 -2.51
C ASN A 86 2.87 7.47 -2.91
N ILE A 87 2.32 7.82 -4.06
CA ILE A 87 1.30 7.03 -4.76
C ILE A 87 1.81 6.84 -6.20
N VAL A 88 1.92 5.59 -6.65
CA VAL A 88 2.39 5.31 -8.00
C VAL A 88 1.63 6.13 -9.05
N ARG A 89 2.40 6.73 -9.95
CA ARG A 89 1.84 7.53 -11.04
C ARG A 89 1.20 6.64 -12.10
N CYS A 90 0.18 7.18 -12.77
CA CYS A 90 -0.35 6.56 -13.96
C CYS A 90 0.18 7.34 -15.17
N ILE A 91 0.92 6.66 -16.04
CA ILE A 91 1.51 7.29 -17.21
C ILE A 91 0.43 7.51 -18.27
N GLY A 92 -0.48 6.56 -18.35
CA GLY A 92 -1.59 6.61 -19.27
C GLY A 92 -2.25 5.26 -19.38
N VAL A 93 -3.14 5.12 -20.35
CA VAL A 93 -3.86 3.87 -20.58
C VAL A 93 -3.80 3.48 -22.06
N SER A 94 -4.18 2.24 -22.35
CA SER A 94 -4.42 1.81 -23.71
C SER A 94 -5.66 0.93 -23.69
N LEU A 95 -6.82 1.58 -23.62
CA LEU A 95 -8.10 0.90 -23.52
C LEU A 95 -8.77 0.68 -24.89
N GLN A 96 -8.22 1.27 -25.94
CA GLN A 96 -8.81 1.14 -27.29
C GLN A 96 -8.25 -0.03 -28.08
N SER A 97 -7.36 -0.80 -27.46
CA SER A 97 -6.84 -2.01 -28.06
C SER A 97 -6.97 -3.15 -27.08
N LEU A 98 -6.85 -4.37 -27.60
CA LEU A 98 -7.03 -5.59 -26.82
C LEU A 98 -5.75 -6.43 -26.81
N PRO A 99 -5.37 -6.97 -25.63
CA PRO A 99 -6.01 -6.74 -24.33
C PRO A 99 -5.79 -5.30 -23.84
N ARG A 100 -6.71 -4.80 -23.01
CA ARG A 100 -6.60 -3.42 -22.48
C ARG A 100 -5.42 -3.27 -21.48
N PHE A 101 -4.75 -2.11 -21.53
CA PHE A 101 -3.59 -1.81 -20.68
C PHE A 101 -3.82 -0.59 -19.79
N ILE A 102 -3.28 -0.63 -18.56
CA ILE A 102 -3.08 0.56 -17.74
C ILE A 102 -1.57 0.69 -17.52
N LEU A 103 -1.03 1.87 -17.80
CA LEU A 103 0.42 2.09 -17.71
C LEU A 103 0.76 2.83 -16.42
N LEU A 104 1.54 2.16 -15.57
CA LEU A 104 1.86 2.67 -14.25
C LEU A 104 3.36 2.90 -14.09
N GLU A 105 3.70 3.78 -13.16
CA GLU A 105 5.08 4.05 -12.78
C GLU A 105 5.76 2.74 -12.39
N LEU A 106 6.91 2.43 -12.99
CA LEU A 106 7.63 1.18 -12.72
C LEU A 106 8.29 1.21 -11.35
N MET A 107 8.02 0.19 -10.55
CA MET A 107 8.56 0.11 -9.21
C MET A 107 9.42 -1.16 -9.11
N ALA A 108 10.71 -0.98 -9.38
CA ALA A 108 11.65 -2.08 -9.55
C ALA A 108 11.92 -2.87 -8.28
N GLY A 109 11.54 -2.31 -7.13
CA GLY A 109 11.73 -2.97 -5.84
C GLY A 109 10.65 -3.98 -5.47
N GLY A 110 9.60 -4.04 -6.28
CA GLY A 110 8.49 -4.96 -6.02
C GLY A 110 7.66 -4.57 -4.80
N ASP A 111 6.85 -5.51 -4.32
CA ASP A 111 5.97 -5.28 -3.17
C ASP A 111 6.75 -5.25 -1.85
N LEU A 112 6.26 -4.47 -0.89
CA LEU A 112 6.96 -4.25 0.36
C LEU A 112 7.09 -5.52 1.20
N LYS A 113 6.01 -6.30 1.27
CA LYS A 113 6.01 -7.53 2.08
C LYS A 113 7.16 -8.46 1.70
N SER A 114 7.24 -8.81 0.41
CA SER A 114 8.29 -9.69 -0.10
C SER A 114 9.67 -9.08 0.12
N PHE A 115 9.82 -7.77 -0.09
CA PHE A 115 11.10 -7.10 0.17
C PHE A 115 11.59 -7.31 1.60
N LEU A 116 10.70 -7.12 2.57
CA LEU A 116 11.08 -7.23 3.98
C LEU A 116 11.49 -8.67 4.32
N ARG A 117 10.72 -9.64 3.85
CA ARG A 117 11.01 -11.07 4.02
C ARG A 117 12.36 -11.45 3.44
N GLU A 118 12.61 -11.01 2.20
CA GLU A 118 13.82 -11.33 1.45
CA GLU A 118 13.82 -11.36 1.47
C GLU A 118 15.06 -10.63 2.00
N THR A 119 14.86 -9.46 2.62
CA THR A 119 15.98 -8.63 3.07
C THR A 119 16.23 -8.67 4.60
N ARG A 120 15.67 -9.69 5.27
CA ARG A 120 15.93 -9.93 6.69
C ARG A 120 17.41 -10.12 6.96
N PRO A 121 17.95 -9.44 7.99
CA PRO A 121 19.34 -9.66 8.42
C PRO A 121 19.61 -11.14 8.73
N ARG A 122 20.77 -11.61 8.28
CA ARG A 122 21.16 -13.02 8.36
C ARG A 122 22.67 -13.14 8.65
N PRO A 123 23.13 -14.29 9.19
CA PRO A 123 24.58 -14.40 9.45
C PRO A 123 25.46 -14.03 8.24
N SER A 124 25.01 -14.35 7.02
CA SER A 124 25.74 -14.01 5.80
C SER A 124 25.70 -12.51 5.46
N GLN A 125 24.52 -11.88 5.59
CA GLN A 125 24.38 -10.43 5.42
C GLN A 125 23.68 -9.76 6.60
N PRO A 126 24.41 -9.59 7.73
CA PRO A 126 23.82 -9.20 9.02
C PRO A 126 23.44 -7.72 9.17
N SER A 127 23.56 -6.95 8.10
CA SER A 127 23.25 -5.53 8.12
C SER A 127 22.61 -5.08 6.81
N SER A 128 21.74 -5.94 6.27
CA SER A 128 21.01 -5.67 5.03
C SER A 128 19.95 -4.58 5.22
N LEU A 129 19.33 -4.59 6.40
CA LEU A 129 18.39 -3.54 6.80
C LEU A 129 18.79 -3.00 8.16
N ALA A 130 18.50 -1.72 8.36
CA ALA A 130 18.69 -1.08 9.65
C ALA A 130 17.38 -0.39 10.02
N MET A 131 17.23 -0.02 11.28
CA MET A 131 16.02 0.64 11.77
C MET A 131 15.60 1.87 10.95
N LEU A 132 16.59 2.64 10.48
CA LEU A 132 16.31 3.85 9.71
C LEU A 132 15.62 3.55 8.37
N ASP A 133 15.99 2.43 7.74
CA ASP A 133 15.35 1.98 6.50
C ASP A 133 13.86 1.69 6.72
N LEU A 134 13.55 1.14 7.88
CA LEU A 134 12.17 0.81 8.23
C LEU A 134 11.37 2.08 8.50
N LEU A 135 12.03 3.02 9.18
CA LEU A 135 11.42 4.31 9.51
C LEU A 135 11.17 5.17 8.28
N HIS A 136 12.04 5.05 7.27
CA HIS A 136 11.87 5.78 6.03
C HIS A 136 10.72 5.26 5.21
N VAL A 137 10.58 3.94 5.15
CA VAL A 137 9.42 3.30 4.50
C VAL A 137 8.13 3.73 5.18
N ALA A 138 8.13 3.73 6.51
CA ALA A 138 6.96 4.10 7.31
C ALA A 138 6.54 5.54 7.01
N ARG A 139 7.52 6.45 7.01
CA ARG A 139 7.31 7.84 6.65
C ARG A 139 6.77 7.98 5.22
N ASP A 140 7.37 7.26 4.27
CA ASP A 140 6.91 7.27 2.88
C ASP A 140 5.42 6.97 2.73
N ILE A 141 4.97 5.90 3.37
CA ILE A 141 3.57 5.47 3.30
C ILE A 141 2.64 6.40 4.11
N ALA A 142 3.07 6.82 5.30
CA ALA A 142 2.29 7.83 6.08
C ALA A 142 2.02 9.10 5.26
N CYS A 143 3.01 9.52 4.47
CA CYS A 143 2.87 10.72 3.64
CA CYS A 143 2.89 10.71 3.62
C CYS A 143 1.80 10.54 2.56
N GLY A 144 1.76 9.35 1.95
CA GLY A 144 0.74 9.03 0.95
C GLY A 144 -0.63 8.94 1.60
N CYS A 145 -0.65 8.40 2.82
CA CYS A 145 -1.87 8.27 3.58
C CYS A 145 -2.39 9.64 4.05
N GLN A 146 -1.48 10.56 4.36
CA GLN A 146 -1.86 11.94 4.71
C GLN A 146 -2.52 12.65 3.53
N TYR A 147 -1.96 12.48 2.33
CA TYR A 147 -2.58 13.01 1.11
C TYR A 147 -3.99 12.48 0.95
N LEU A 148 -4.15 11.16 1.04
CA LEU A 148 -5.49 10.53 0.94
C LEU A 148 -6.48 11.08 1.99
N GLU A 149 -6.01 11.24 3.22
CA GLU A 149 -6.83 11.73 4.31
C GLU A 149 -7.32 13.16 4.04
N GLU A 150 -6.38 14.05 3.70
CA GLU A 150 -6.76 15.44 3.46
C GLU A 150 -7.66 15.59 2.24
N ASN A 151 -7.65 14.58 1.36
CA ASN A 151 -8.52 14.56 0.19
C ASN A 151 -9.76 13.67 0.38
N HIS A 152 -10.00 13.27 1.63
CA HIS A 152 -11.17 12.49 2.05
C HIS A 152 -11.35 11.18 1.31
N PHE A 153 -10.23 10.61 0.87
CA PHE A 153 -10.24 9.31 0.21
C PHE A 153 -9.82 8.28 1.25
N ILE A 154 -10.69 7.30 1.50
CA ILE A 154 -10.40 6.22 2.45
C ILE A 154 -9.87 5.01 1.69
N HIS A 155 -8.65 4.57 2.03
CA HIS A 155 -8.01 3.49 1.28
C HIS A 155 -8.62 2.13 1.52
N ARG A 156 -8.85 1.82 2.80
CA ARG A 156 -9.54 0.59 3.24
C ARG A 156 -8.69 -0.67 3.33
N ASP A 157 -7.49 -0.64 2.76
CA ASP A 157 -6.65 -1.83 2.72
C ASP A 157 -5.16 -1.47 2.82
N ILE A 158 -4.81 -0.66 3.82
CA ILE A 158 -3.43 -0.28 4.05
C ILE A 158 -2.68 -1.48 4.63
N ALA A 159 -1.76 -2.04 3.84
CA ALA A 159 -1.02 -3.25 4.20
C ALA A 159 0.26 -3.32 3.36
N ALA A 160 1.21 -4.13 3.81
CA ALA A 160 2.50 -4.25 3.12
C ALA A 160 2.34 -4.82 1.72
N ARG A 161 1.42 -5.76 1.55
CA ARG A 161 1.09 -6.35 0.25
C ARG A 161 0.63 -5.32 -0.79
N ASN A 162 0.17 -4.15 -0.33
CA ASN A 162 -0.37 -3.09 -1.21
C ASN A 162 0.57 -1.90 -1.37
N CYS A 163 1.85 -2.12 -1.05
CA CYS A 163 2.86 -1.08 -1.12
C CYS A 163 3.99 -1.56 -2.01
N LEU A 164 4.59 -0.62 -2.74
CA LEU A 164 5.68 -0.92 -3.66
C LEU A 164 6.89 -0.05 -3.39
N LEU A 165 8.04 -0.49 -3.89
CA LEU A 165 9.31 0.21 -3.72
C LEU A 165 9.96 0.51 -5.06
N THR A 166 10.62 1.66 -5.14
CA THR A 166 11.23 2.15 -6.38
C THR A 166 12.43 1.30 -6.78
N CYS A 167 13.12 0.75 -5.78
CA CYS A 167 14.35 -0.02 -6.00
C CYS A 167 14.71 -0.77 -4.73
N PRO A 168 15.55 -1.83 -4.84
CA PRO A 168 15.96 -2.59 -3.64
C PRO A 168 16.92 -1.85 -2.71
N GLY A 169 17.90 -1.16 -3.29
CA GLY A 169 19.00 -0.59 -2.52
C GLY A 169 18.74 0.73 -1.83
N PRO A 170 19.80 1.35 -1.28
CA PRO A 170 19.72 2.67 -0.66
C PRO A 170 18.98 3.67 -1.54
N GLY A 171 18.13 4.49 -0.91
CA GLY A 171 17.38 5.51 -1.63
C GLY A 171 16.00 5.06 -2.09
N ARG A 172 15.63 3.82 -1.77
CA ARG A 172 14.29 3.31 -2.10
C ARG A 172 13.20 4.23 -1.54
N VAL A 173 12.15 4.45 -2.34
CA VAL A 173 10.97 5.17 -1.90
C VAL A 173 9.80 4.20 -1.96
N ALA A 174 9.05 4.11 -0.86
CA ALA A 174 7.87 3.26 -0.78
C ALA A 174 6.64 4.05 -1.20
N LYS A 175 5.69 3.39 -1.87
CA LYS A 175 4.49 4.06 -2.37
C LYS A 175 3.27 3.13 -2.32
N ILE A 176 2.10 3.72 -2.14
CA ILE A 176 0.85 2.95 -2.21
C ILE A 176 0.63 2.56 -3.67
N GLY A 177 0.49 1.27 -3.94
CA GLY A 177 0.44 0.80 -5.33
C GLY A 177 -0.81 0.01 -5.73
N ASP A 178 -1.73 -0.16 -4.80
CA ASP A 178 -2.98 -0.85 -5.09
C ASP A 178 -4.18 -0.14 -4.45
N PHE A 179 -5.28 -0.06 -5.19
CA PHE A 179 -6.51 0.63 -4.77
C PHE A 179 -7.76 -0.21 -5.07
N GLY A 180 -7.59 -1.53 -5.17
CA GLY A 180 -8.64 -2.46 -5.51
C GLY A 180 -9.81 -2.46 -4.54
N MET A 181 -9.50 -2.49 -3.25
CA MET A 181 -10.52 -2.44 -2.19
C MET A 181 -11.37 -1.16 -2.31
N ALA A 182 -10.70 -0.02 -2.48
CA ALA A 182 -11.40 1.26 -2.68
C ALA A 182 -12.21 1.28 -3.99
N ARG A 183 -11.69 0.65 -5.04
CA ARG A 183 -12.41 0.53 -6.31
C ARG A 183 -13.68 -0.30 -6.15
N ASP A 184 -13.59 -1.41 -5.42
CA ASP A 184 -14.73 -2.30 -5.19
C ASP A 184 -15.89 -1.63 -4.46
N ILE A 185 -15.60 -0.82 -3.46
CA ILE A 185 -16.64 -0.13 -2.68
C ILE A 185 -17.25 1.03 -3.45
N TYR A 186 -16.43 1.73 -4.23
CA TYR A 186 -16.92 2.79 -5.13
C TYR A 186 -17.95 2.27 -6.15
N ARG A 187 -17.87 0.97 -6.50
CA ARG A 187 -18.80 0.36 -7.47
C ARG A 187 -20.26 0.40 -7.01
N GLY A 195 -19.39 -11.63 7.40
CA GLY A 195 -18.72 -10.92 6.31
C GLY A 195 -17.86 -11.83 5.45
N CYS A 196 -17.54 -11.35 4.25
CA CYS A 196 -16.78 -12.10 3.24
C CYS A 196 -15.40 -12.60 3.73
N ALA A 197 -15.00 -13.78 3.26
CA ALA A 197 -13.74 -14.42 3.66
C ALA A 197 -12.48 -13.71 3.15
N MET A 198 -12.64 -12.84 2.16
CA MET A 198 -11.51 -12.11 1.57
C MET A 198 -11.23 -10.75 2.24
N LEU A 199 -12.12 -10.34 3.13
CA LEU A 199 -12.01 -9.09 3.86
C LEU A 199 -10.68 -9.03 4.65
N PRO A 200 -9.98 -7.88 4.63
CA PRO A 200 -8.69 -7.78 5.35
C PRO A 200 -8.87 -7.57 6.86
N VAL A 201 -9.54 -8.54 7.50
CA VAL A 201 -9.91 -8.49 8.91
C VAL A 201 -8.76 -8.10 9.84
N LYS A 202 -7.58 -8.69 9.63
CA LYS A 202 -6.43 -8.44 10.50
C LYS A 202 -5.87 -7.02 10.41
N TRP A 203 -6.36 -6.24 9.44
CA TRP A 203 -5.99 -4.83 9.28
C TRP A 203 -7.11 -3.89 9.64
N MET A 204 -8.20 -4.43 10.19
CA MET A 204 -9.40 -3.62 10.41
C MET A 204 -9.68 -3.31 11.89
N PRO A 205 -10.12 -2.08 12.19
CA PRO A 205 -10.52 -1.67 13.53
C PRO A 205 -11.85 -2.32 13.96
N PRO A 206 -12.11 -2.40 15.28
CA PRO A 206 -13.31 -3.06 15.81
C PRO A 206 -14.63 -2.51 15.25
N GLU A 207 -14.71 -1.22 15.00
CA GLU A 207 -15.94 -0.62 14.52
C GLU A 207 -16.23 -0.95 13.05
N ALA A 208 -15.23 -1.46 12.34
CA ALA A 208 -15.37 -1.81 10.93
C ALA A 208 -16.19 -3.09 10.69
N PHE A 209 -16.10 -4.05 11.59
CA PHE A 209 -16.93 -5.24 11.54
C PHE A 209 -18.28 -4.99 12.11
N MET A 210 -18.44 -3.88 12.76
CA MET A 210 -19.57 -3.75 13.60
C MET A 210 -20.64 -2.91 12.95
N GLU A 211 -20.61 -1.59 13.09
CA GLU A 211 -21.60 -0.78 12.40
C GLU A 211 -21.22 -0.61 10.94
N GLY A 212 -20.03 -1.08 10.58
CA GLY A 212 -19.53 -1.08 9.21
C GLY A 212 -19.14 0.28 8.65
N ILE A 213 -18.86 1.24 9.52
CA ILE A 213 -18.53 2.60 9.07
C ILE A 213 -17.02 2.82 8.96
N PHE A 214 -16.60 3.25 7.77
CA PHE A 214 -15.18 3.52 7.50
C PHE A 214 -14.91 5.02 7.50
N THR A 215 -13.77 5.39 8.07
CA THR A 215 -13.27 6.77 8.09
C THR A 215 -11.77 6.75 7.80
N SER A 216 -11.13 7.92 7.84
CA SER A 216 -9.67 7.97 7.77
C SER A 216 -9.01 7.38 9.03
N LYS A 217 -9.74 7.39 10.15
CA LYS A 217 -9.31 6.72 11.37
C LYS A 217 -9.31 5.19 11.24
N THR A 218 -10.10 4.65 10.30
CA THR A 218 -9.99 3.21 10.00
C THR A 218 -8.68 2.90 9.24
N ASP A 219 -8.24 3.84 8.40
CA ASP A 219 -6.93 3.76 7.75
C ASP A 219 -5.79 3.89 8.77
N THR A 220 -5.98 4.77 9.76
CA THR A 220 -5.04 4.91 10.88
C THR A 220 -4.81 3.55 11.56
N TRP A 221 -5.91 2.83 11.82
CA TRP A 221 -5.80 1.51 12.42
C TRP A 221 -4.97 0.61 11.56
N SER A 222 -5.29 0.54 10.26
CA SER A 222 -4.55 -0.32 9.32
C SER A 222 -3.08 0.07 9.21
N PHE A 223 -2.80 1.38 9.26
CA PHE A 223 -1.42 1.85 9.19
C PHE A 223 -0.60 1.33 10.38
N GLY A 224 -1.22 1.31 11.56
CA GLY A 224 -0.62 0.70 12.74
C GLY A 224 -0.23 -0.75 12.55
N VAL A 225 -1.07 -1.51 11.84
CA VAL A 225 -0.80 -2.92 11.55
C VAL A 225 0.31 -3.03 10.50
N LEU A 226 0.26 -2.16 9.48
CA LEU A 226 1.36 -2.02 8.52
C LEU A 226 2.69 -1.75 9.22
N LEU A 227 2.66 -0.87 10.22
CA LEU A 227 3.84 -0.54 11.00
C LEU A 227 4.42 -1.78 11.68
N TRP A 228 3.55 -2.62 12.24
CA TRP A 228 3.93 -3.90 12.83
C TRP A 228 4.53 -4.81 11.78
N GLU A 229 3.92 -4.86 10.59
CA GLU A 229 4.47 -5.61 9.47
C GLU A 229 5.88 -5.18 9.10
N ILE A 230 6.09 -3.87 9.04
CA ILE A 230 7.39 -3.29 8.70
C ILE A 230 8.43 -3.67 9.74
N PHE A 231 8.13 -3.42 11.01
CA PHE A 231 9.12 -3.64 12.05
C PHE A 231 9.34 -5.10 12.44
N SER A 232 8.40 -5.98 12.08
CA SER A 232 8.60 -7.42 12.20
C SER A 232 9.39 -8.00 11.01
N LEU A 233 9.71 -7.15 10.04
CA LEU A 233 10.34 -7.56 8.79
C LEU A 233 9.48 -8.54 7.98
N GLY A 234 8.19 -8.22 7.84
CA GLY A 234 7.31 -8.97 6.93
C GLY A 234 6.58 -10.18 7.46
N TYR A 235 6.38 -10.27 8.78
CA TYR A 235 5.57 -11.35 9.35
C TYR A 235 4.08 -11.13 9.15
N MET A 236 3.32 -12.22 9.18
CA MET A 236 1.86 -12.17 9.17
C MET A 236 1.36 -11.68 10.53
N PRO A 237 0.52 -10.62 10.55
CA PRO A 237 -0.08 -10.08 11.78
C PRO A 237 -0.86 -11.14 12.55
N TYR A 238 -0.91 -11.01 13.87
CA TYR A 238 -1.56 -11.98 14.78
C TYR A 238 -1.18 -13.42 14.43
N PRO A 239 0.10 -13.78 14.62
CA PRO A 239 0.51 -15.15 14.30
C PRO A 239 -0.30 -16.16 15.11
N SER A 240 -0.82 -17.16 14.42
CA SER A 240 -1.60 -18.27 15.00
C SER A 240 -3.10 -18.00 15.19
N LYS A 241 -3.55 -16.79 14.91
CA LYS A 241 -4.98 -16.50 14.98
C LYS A 241 -5.65 -16.48 13.62
N SER A 242 -6.84 -17.07 13.54
CA SER A 242 -7.69 -16.99 12.37
C SER A 242 -8.38 -15.62 12.30
N ASN A 243 -9.10 -15.37 11.21
CA ASN A 243 -9.85 -14.12 11.08
C ASN A 243 -10.82 -13.86 12.24
N GLN A 244 -11.62 -14.87 12.59
CA GLN A 244 -12.62 -14.74 13.66
C GLN A 244 -11.96 -14.55 15.02
N GLU A 245 -10.90 -15.31 15.26
CA GLU A 245 -10.11 -15.17 16.49
C GLU A 245 -9.53 -13.76 16.64
N VAL A 246 -8.94 -13.23 15.57
CA VAL A 246 -8.39 -11.86 15.58
C VAL A 246 -9.50 -10.86 15.89
N LEU A 247 -10.61 -10.98 15.17
CA LEU A 247 -11.77 -10.13 15.35
C LEU A 247 -12.18 -10.07 16.82
N GLU A 248 -12.40 -11.23 17.43
CA GLU A 248 -12.76 -11.31 18.85
C GLU A 248 -11.66 -10.76 19.78
N PHE A 249 -10.42 -11.16 19.52
CA PHE A 249 -9.26 -10.69 20.29
C PHE A 249 -9.17 -9.17 20.32
N VAL A 250 -9.26 -8.57 19.14
CA VAL A 250 -9.13 -7.13 18.93
C VAL A 250 -10.28 -6.36 19.58
N THR A 251 -11.52 -6.83 19.37
CA THR A 251 -12.65 -6.17 20.01
C THR A 251 -12.68 -6.33 21.52
N SER A 252 -12.01 -7.36 22.06
CA SER A 252 -11.92 -7.57 23.50
C SER A 252 -10.95 -6.62 24.19
N GLY A 253 -10.20 -5.87 23.38
CA GLY A 253 -9.11 -5.02 23.86
C GLY A 253 -7.74 -5.58 23.58
N GLY A 254 -7.67 -6.83 23.09
CA GLY A 254 -6.38 -7.45 22.77
C GLY A 254 -5.61 -6.76 21.65
N ARG A 255 -4.28 -6.67 21.81
CA ARG A 255 -3.40 -6.04 20.83
C ARG A 255 -2.14 -6.87 20.63
N MET A 256 -1.51 -6.73 19.47
CA MET A 256 -0.26 -7.44 19.18
C MET A 256 0.86 -6.98 20.11
N ASP A 257 1.79 -7.90 20.41
CA ASP A 257 3.02 -7.57 21.10
C ASP A 257 3.93 -6.78 20.15
N PRO A 258 4.96 -6.11 20.70
CA PRO A 258 5.90 -5.46 19.79
C PRO A 258 6.61 -6.50 18.93
N PRO A 259 6.96 -6.14 17.69
CA PRO A 259 7.82 -7.02 16.89
C PRO A 259 9.19 -7.11 17.55
N LYS A 260 9.92 -8.18 17.27
CA LYS A 260 11.22 -8.43 17.91
C LYS A 260 12.15 -7.23 17.79
N ASN A 261 12.72 -6.80 18.92
CA ASN A 261 13.66 -5.67 19.02
C ASN A 261 13.05 -4.29 18.69
N CYS A 262 11.73 -4.21 18.59
CA CYS A 262 11.07 -2.94 18.27
C CYS A 262 11.30 -1.93 19.38
N PRO A 263 11.81 -0.73 19.01
CA PRO A 263 11.98 0.31 20.02
C PRO A 263 10.63 0.74 20.55
N GLY A 264 10.59 1.02 21.85
CA GLY A 264 9.36 1.44 22.53
C GLY A 264 8.66 2.61 21.87
N PRO A 265 9.42 3.67 21.51
CA PRO A 265 8.80 4.77 20.78
C PRO A 265 8.03 4.36 19.52
N VAL A 266 8.55 3.41 18.75
CA VAL A 266 7.88 2.91 17.54
C VAL A 266 6.62 2.13 17.90
N TYR A 267 6.70 1.29 18.92
CA TYR A 267 5.55 0.48 19.35
C TYR A 267 4.42 1.39 19.82
N ARG A 268 4.78 2.51 20.44
CA ARG A 268 3.81 3.47 20.96
C ARG A 268 2.95 4.06 19.84
N ILE A 269 3.57 4.29 18.70
CA ILE A 269 2.85 4.74 17.51
C ILE A 269 1.79 3.71 17.10
N MET A 270 2.18 2.42 17.10
CA MET A 270 1.25 1.34 16.82
C MET A 270 0.07 1.34 17.79
N THR A 271 0.37 1.38 19.08
CA THR A 271 -0.66 1.26 20.12
C THR A 271 -1.63 2.44 20.13
N GLN A 272 -1.16 3.62 19.74
CA GLN A 272 -2.06 4.76 19.60
C GLN A 272 -2.90 4.66 18.32
N CYS A 273 -2.34 4.05 17.26
CA CYS A 273 -3.12 3.71 16.07
C CYS A 273 -4.22 2.68 16.38
N TRP A 274 -3.99 1.83 17.39
CA TRP A 274 -4.98 0.80 17.76
C TRP A 274 -5.85 1.14 18.93
N GLN A 275 -5.97 2.42 19.26
CA GLN A 275 -6.91 2.85 20.31
C GLN A 275 -8.32 2.43 19.89
N HIS A 276 -9.07 1.87 20.84
CA HIS A 276 -10.43 1.42 20.56
C HIS A 276 -11.30 2.51 20.03
N GLN A 277 -11.27 3.67 20.66
CA GLN A 277 -12.02 4.83 20.19
C GLN A 277 -11.30 5.48 19.00
N PRO A 278 -12.02 5.66 17.87
CA PRO A 278 -11.48 6.28 16.65
C PRO A 278 -10.90 7.67 16.87
N GLU A 279 -11.57 8.48 17.69
CA GLU A 279 -11.11 9.85 17.96
C GLU A 279 -9.89 9.91 18.84
N ASP A 280 -9.58 8.79 19.50
CA ASP A 280 -8.35 8.69 20.29
C ASP A 280 -7.14 8.35 19.43
N ARG A 281 -7.37 7.94 18.18
CA ARG A 281 -6.30 7.58 17.27
C ARG A 281 -5.76 8.82 16.55
N PRO A 282 -4.44 8.87 16.31
CA PRO A 282 -3.88 10.02 15.63
C PRO A 282 -4.31 10.11 14.16
N ASN A 283 -4.42 11.32 13.64
CA ASN A 283 -4.49 11.52 12.19
C ASN A 283 -3.09 11.36 11.59
N PHE A 284 -2.99 11.39 10.26
CA PHE A 284 -1.73 11.08 9.62
C PHE A 284 -0.65 12.15 9.79
N ALA A 285 -1.06 13.39 9.99
CA ALA A 285 -0.13 14.48 10.36
C ALA A 285 0.56 14.21 11.69
N ILE A 286 -0.18 13.69 12.66
CA ILE A 286 0.40 13.33 13.97
C ILE A 286 1.28 12.09 13.83
N ILE A 287 0.82 11.10 13.08
CA ILE A 287 1.61 9.90 12.83
C ILE A 287 2.97 10.28 12.24
N LEU A 288 2.96 11.15 11.24
CA LEU A 288 4.17 11.63 10.58
C LEU A 288 5.14 12.32 11.53
N GLU A 289 4.59 13.18 12.40
CA GLU A 289 5.39 13.85 13.42
C GLU A 289 6.06 12.86 14.34
N ARG A 290 5.31 11.84 14.73
CA ARG A 290 5.84 10.83 15.64
C ARG A 290 6.94 9.98 14.99
N ILE A 291 6.73 9.59 13.74
CA ILE A 291 7.74 8.88 12.94
C ILE A 291 9.01 9.73 12.80
N GLU A 292 8.86 11.01 12.46
CA GLU A 292 10.01 11.93 12.34
C GLU A 292 10.79 12.09 13.66
N TYR A 293 10.08 12.15 14.78
CA TYR A 293 10.70 12.18 16.11
C TYR A 293 11.50 10.89 16.38
N CYS A 294 10.88 9.74 16.10
CA CYS A 294 11.56 8.45 16.20
C CYS A 294 12.84 8.43 15.38
N THR A 295 12.77 9.01 14.19
CA THR A 295 13.86 9.05 13.22
C THR A 295 15.06 9.83 13.76
N GLN A 296 14.80 10.78 14.65
CA GLN A 296 15.85 11.67 15.14
C GLN A 296 16.45 11.23 16.47
N ASP A 297 15.81 10.24 17.10
CA ASP A 297 16.23 9.70 18.40
C ASP A 297 17.29 8.59 18.22
N PRO A 298 18.54 8.87 18.64
CA PRO A 298 19.67 7.93 18.49
C PRO A 298 19.44 6.54 19.08
N ASP A 299 18.74 6.46 20.22
CA ASP A 299 18.44 5.16 20.84
C ASP A 299 17.48 4.31 20.02
N VAL A 300 16.59 4.96 19.28
CA VAL A 300 15.72 4.28 18.33
C VAL A 300 16.52 3.75 17.14
N ILE A 301 17.23 4.65 16.46
CA ILE A 301 17.90 4.29 15.20
C ILE A 301 19.17 3.45 15.38
N ASN A 302 19.76 3.49 16.57
CA ASN A 302 20.91 2.64 16.90
C ASN A 302 20.52 1.25 17.41
N THR A 303 19.23 0.95 17.45
CA THR A 303 18.75 -0.37 17.86
C THR A 303 18.95 -1.37 16.72
N ALA A 304 19.64 -2.47 17.02
CA ALA A 304 19.87 -3.51 16.02
C ALA A 304 18.61 -4.34 15.78
N LEU A 305 18.34 -4.63 14.52
CA LEU A 305 17.29 -5.57 14.16
C LEU A 305 17.80 -6.98 14.46
N PRO A 306 16.87 -7.94 14.71
CA PRO A 306 17.30 -9.31 15.02
C PRO A 306 17.86 -10.02 13.79
N ILE A 307 18.86 -10.88 14.00
CA ILE A 307 19.37 -11.73 12.93
C ILE A 307 18.54 -13.01 12.85
N GLU A 308 17.96 -13.28 11.68
CA GLU A 308 17.22 -14.53 11.47
C GLU A 308 18.21 -15.64 11.14
N TYR A 309 18.20 -16.69 11.95
CA TYR A 309 19.25 -17.72 11.91
C TYR A 309 18.93 -18.85 10.93
#